data_4A1J
#
_entry.id   4A1J
#
_cell.length_a   56.240
_cell.length_b   86.280
_cell.length_c   74.140
_cell.angle_alpha   90.00
_cell.angle_beta   90.00
_cell.angle_gamma   90.00
#
_symmetry.space_group_name_H-M   'P 21 21 2'
#
loop_
_entity.id
_entity.type
_entity.pdbx_description
1 polymer 'PUTATIVE L, D-TRANSPEPTIDASE YKUD'
2 non-polymer 'SULFATE ION'
3 water water
#
_entity_poly.entity_id   1
_entity_poly.type   'polypeptide(L)'
_entity_poly.pdbx_seq_one_letter_code
;GMLTYQVKQGDTLNSIAADFRISTAALLQANPSLQAGLTAGQSIVIPGLPDPYTIPYHIAVSIGAKTLTLSLNNRVMKTY
PIAVGKILTQTPTGEFYIINRQRNPGGPFGAYWLSLSAAHYGIHGTNNPASIGKAVSKGCIRMHNKDVIELASIVPNGTR
VTINR
;
_entity_poly.pdbx_strand_id   A,B
#
loop_
_chem_comp.id
_chem_comp.type
_chem_comp.name
_chem_comp.formula
SO4 non-polymer 'SULFATE ION' 'O4 S -2'
#
# COMPACT_ATOMS: atom_id res chain seq x y z
N GLY A 1 -9.25 -24.42 -4.83
CA GLY A 1 -9.93 -23.20 -4.46
C GLY A 1 -9.08 -21.98 -4.79
N MET A 2 -9.55 -21.20 -5.75
CA MET A 2 -8.79 -20.03 -6.17
C MET A 2 -9.69 -18.79 -6.29
N LEU A 3 -9.14 -17.64 -5.93
CA LEU A 3 -9.86 -16.39 -6.15
C LEU A 3 -9.79 -16.04 -7.64
N THR A 4 -10.95 -15.84 -8.25
CA THR A 4 -10.98 -15.41 -9.64
C THR A 4 -11.43 -13.96 -9.70
N TYR A 5 -10.86 -13.22 -10.64
CA TYR A 5 -11.18 -11.81 -10.78
C TYR A 5 -11.49 -11.55 -12.24
N GLN A 6 -12.61 -10.88 -12.48
CA GLN A 6 -12.97 -10.50 -13.84
C GLN A 6 -12.34 -9.15 -14.20
N VAL A 7 -11.52 -9.16 -15.24
CA VAL A 7 -10.83 -7.96 -15.71
C VAL A 7 -11.77 -6.86 -16.19
N LYS A 8 -11.50 -5.61 -15.78
CA LYS A 8 -12.33 -4.48 -16.16
C LYS A 8 -11.59 -3.57 -17.14
N GLN A 9 -12.35 -2.84 -17.96
CA GLN A 9 -11.78 -1.84 -18.84
C GLN A 9 -10.85 -0.91 -18.05
N GLY A 10 -9.68 -0.63 -18.61
CA GLY A 10 -8.76 0.26 -17.92
C GLY A 10 -7.83 -0.48 -16.97
N ASP A 11 -8.24 -1.66 -16.49
CA ASP A 11 -7.32 -2.46 -15.70
C ASP A 11 -6.02 -2.64 -16.47
N THR A 12 -4.91 -2.58 -15.75
CA THR A 12 -3.59 -2.93 -16.28
C THR A 12 -3.01 -3.99 -15.35
N LEU A 13 -1.89 -4.57 -15.73
CA LEU A 13 -1.23 -5.54 -14.86
C LEU A 13 -0.80 -4.90 -13.54
N ASN A 14 -0.20 -3.72 -13.63
CA ASN A 14 0.24 -2.97 -12.44
C ASN A 14 -0.89 -2.62 -11.47
N SER A 15 -2.03 -2.21 -12.03
CA SER A 15 -3.14 -1.77 -11.20
C SER A 15 -3.86 -2.97 -10.57
N ILE A 16 -3.86 -4.12 -11.26
CA ILE A 16 -4.43 -5.33 -10.69
C ILE A 16 -3.53 -5.85 -9.57
N ALA A 17 -2.23 -5.96 -9.84
CA ALA A 17 -1.26 -6.33 -8.82
C ALA A 17 -1.32 -5.43 -7.58
N ALA A 18 -1.41 -4.13 -7.78
CA ALA A 18 -1.52 -3.20 -6.64
C ALA A 18 -2.81 -3.43 -5.83
N ASP A 19 -3.93 -3.66 -6.50
CA ASP A 19 -5.19 -3.90 -5.80
C ASP A 19 -5.15 -5.15 -4.91
N PHE A 20 -4.51 -6.20 -5.39
CA PHE A 20 -4.44 -7.47 -4.68
C PHE A 20 -3.15 -7.70 -3.90
N ARG A 21 -2.32 -6.65 -3.83
CA ARG A 21 -1.09 -6.66 -3.04
C ARG A 21 -0.17 -7.80 -3.39
N ILE A 22 0.03 -8.03 -4.69
CA ILE A 22 1.00 -9.00 -5.16
C ILE A 22 1.86 -8.37 -6.25
N SER A 23 3.05 -8.90 -6.47
CA SER A 23 3.93 -8.44 -7.54
C SER A 23 3.32 -8.82 -8.89
N THR A 24 3.72 -8.12 -9.93
CA THR A 24 3.27 -8.45 -11.27
C THR A 24 3.82 -9.80 -11.66
N ALA A 25 5.00 -10.14 -11.14
CA ALA A 25 5.61 -11.46 -11.36
C ALA A 25 4.76 -12.61 -10.80
N ALA A 26 4.19 -12.41 -9.61
CA ALA A 26 3.33 -13.43 -9.00
C ALA A 26 2.02 -13.57 -9.78
N LEU A 27 1.44 -12.44 -10.16
CA LEU A 27 0.25 -12.45 -11.01
C LEU A 27 0.47 -13.25 -12.31
N LEU A 28 1.57 -12.95 -13.00
CA LEU A 28 1.91 -13.64 -14.25
C LEU A 28 2.25 -15.12 -14.09
N GLN A 29 2.83 -15.48 -12.96
CA GLN A 29 3.19 -16.87 -12.71
C GLN A 29 1.92 -17.70 -12.63
N ALA A 30 0.86 -17.08 -12.13
CA ALA A 30 -0.43 -17.75 -11.97
C ALA A 30 -1.27 -17.65 -13.25
N ASN A 31 -0.89 -16.71 -14.13
CA ASN A 31 -1.63 -16.43 -15.35
C ASN A 31 -0.64 -16.15 -16.48
N PRO A 32 0.01 -17.20 -17.00
CA PRO A 32 1.19 -17.02 -17.85
C PRO A 32 1.00 -16.25 -19.17
N SER A 33 -0.24 -16.03 -19.61
CA SER A 33 -0.50 -15.39 -20.91
C SER A 33 -0.76 -13.88 -20.87
N LEU A 34 -0.88 -13.32 -19.67
CA LEU A 34 -1.29 -11.93 -19.52
C LEU A 34 -0.32 -10.88 -20.05
N GLN A 35 0.95 -11.23 -20.22
CA GLN A 35 1.95 -10.28 -20.69
C GLN A 35 1.84 -10.06 -22.20
N ALA A 36 1.21 -11.01 -22.89
CA ALA A 36 0.84 -10.83 -24.30
C ALA A 36 -0.40 -9.96 -24.44
N GLY A 37 -1.13 -9.78 -23.34
CA GLY A 37 -2.33 -8.96 -23.39
C GLY A 37 -3.43 -9.28 -22.38
N LEU A 38 -3.81 -8.24 -21.65
CA LEU A 38 -4.91 -8.29 -20.70
C LEU A 38 -6.22 -8.04 -21.46
N THR A 39 -7.27 -8.80 -21.17
CA THR A 39 -8.51 -8.68 -21.94
C THR A 39 -9.72 -8.43 -21.04
N ALA A 40 -10.35 -7.27 -21.15
CA ALA A 40 -11.52 -6.99 -20.32
C ALA A 40 -12.60 -8.08 -20.50
N GLY A 41 -13.26 -8.44 -19.41
CA GLY A 41 -14.30 -9.46 -19.45
C GLY A 41 -13.79 -10.87 -19.18
N GLN A 42 -12.48 -11.09 -19.38
CA GLN A 42 -11.88 -12.38 -19.07
C GLN A 42 -11.59 -12.52 -17.57
N SER A 43 -11.51 -13.77 -17.12
CA SER A 43 -11.19 -14.08 -15.72
C SER A 43 -9.74 -14.50 -15.59
N ILE A 44 -9.14 -14.11 -14.47
CA ILE A 44 -7.77 -14.49 -14.17
C ILE A 44 -7.83 -14.94 -12.72
N VAL A 45 -6.80 -15.64 -12.25
CA VAL A 45 -6.73 -16.06 -10.85
C VAL A 45 -5.75 -15.18 -10.07
N ILE A 46 -6.15 -14.81 -8.85
CA ILE A 46 -5.24 -14.13 -7.95
C ILE A 46 -4.63 -15.18 -7.01
N PRO A 47 -3.30 -15.37 -7.10
CA PRO A 47 -2.60 -16.32 -6.22
C PRO A 47 -2.53 -15.82 -4.76
N GLY A 48 -2.33 -16.76 -3.85
CA GLY A 48 -2.14 -16.45 -2.44
C GLY A 48 -3.44 -16.31 -1.66
N LEU A 49 -4.55 -16.54 -2.35
CA LEU A 49 -5.87 -16.30 -1.78
C LEU A 49 -6.79 -17.46 -1.98
N PRO A 50 -7.61 -17.75 -0.95
CA PRO A 50 -8.64 -18.79 -1.07
C PRO A 50 -9.83 -18.28 -1.85
N ASP A 51 -10.60 -19.18 -2.45
CA ASP A 51 -11.87 -18.81 -3.06
C ASP A 51 -12.77 -18.22 -1.98
N PRO A 52 -13.13 -16.94 -2.13
CA PRO A 52 -13.99 -16.20 -1.20
C PRO A 52 -15.35 -16.86 -1.02
N TYR A 53 -15.79 -17.58 -2.05
CA TYR A 53 -17.06 -18.29 -2.00
C TYR A 53 -17.10 -19.28 -0.84
N THR A 54 -15.93 -19.78 -0.44
CA THR A 54 -15.87 -20.83 0.55
C THR A 54 -15.90 -20.27 1.96
N ILE A 55 -15.69 -18.97 2.09
CA ILE A 55 -15.61 -18.35 3.42
C ILE A 55 -17.00 -17.96 3.95
N PRO A 56 -17.41 -18.56 5.08
CA PRO A 56 -18.77 -18.39 5.61
C PRO A 56 -18.96 -17.05 6.32
N TYR A 57 -17.87 -16.35 6.59
CA TYR A 57 -17.96 -15.01 7.16
C TYR A 57 -18.15 -13.99 6.05
N HIS A 58 -18.80 -12.89 6.37
CA HIS A 58 -18.97 -11.81 5.43
C HIS A 58 -19.07 -10.49 6.16
N ILE A 59 -18.36 -9.50 5.66
CA ILE A 59 -18.35 -8.18 6.26
C ILE A 59 -19.12 -7.17 5.44
N ALA A 60 -19.97 -6.39 6.12
CA ALA A 60 -20.76 -5.34 5.49
C ALA A 60 -20.42 -3.99 6.13
N VAL A 61 -20.07 -3.01 5.31
CA VAL A 61 -19.74 -1.69 5.82
C VAL A 61 -20.77 -0.66 5.35
N SER A 62 -21.35 0.06 6.30
CA SER A 62 -22.28 1.13 5.99
C SER A 62 -21.61 2.48 6.25
N ILE A 63 -21.30 3.21 5.18
CA ILE A 63 -20.63 4.51 5.36
C ILE A 63 -21.52 5.50 6.10
N GLY A 64 -22.82 5.47 5.80
CA GLY A 64 -23.76 6.37 6.45
C GLY A 64 -23.98 6.06 7.92
N ALA A 65 -23.99 4.78 8.27
CA ALA A 65 -24.20 4.38 9.65
C ALA A 65 -22.90 4.35 10.45
N LYS A 66 -21.77 4.41 9.75
CA LYS A 66 -20.46 4.31 10.40
C LYS A 66 -20.39 3.02 11.22
N THR A 67 -20.79 1.93 10.58
CA THR A 67 -20.70 0.61 11.18
C THR A 67 -20.08 -0.42 10.24
N LEU A 68 -19.38 -1.37 10.84
CA LEU A 68 -18.89 -2.54 10.15
C LEU A 68 -19.60 -3.73 10.82
N THR A 69 -20.25 -4.55 10.00
CA THR A 69 -21.04 -5.66 10.51
C THR A 69 -20.51 -6.97 9.99
N LEU A 70 -20.14 -7.85 10.92
CA LEU A 70 -19.62 -9.16 10.63
C LEU A 70 -20.75 -10.15 10.67
N SER A 71 -21.01 -10.83 9.56
CA SER A 71 -21.99 -11.91 9.55
C SER A 71 -21.30 -13.25 9.42
N LEU A 72 -21.98 -14.30 9.87
CA LEU A 72 -21.53 -15.68 9.67
C LEU A 72 -22.71 -16.55 9.21
N ASN A 73 -22.56 -17.24 8.09
CA ASN A 73 -23.68 -17.96 7.48
C ASN A 73 -24.95 -17.10 7.40
N ASN A 74 -24.77 -15.84 7.00
CA ASN A 74 -25.87 -14.91 6.77
C ASN A 74 -26.66 -14.48 8.01
N ARG A 75 -26.05 -14.60 9.18
CA ARG A 75 -26.63 -14.04 10.39
C ARG A 75 -25.62 -13.08 11.00
N VAL A 76 -26.09 -11.90 11.37
CA VAL A 76 -25.21 -10.92 11.99
C VAL A 76 -24.59 -11.54 13.23
N MET A 77 -23.31 -11.28 13.42
CA MET A 77 -22.60 -11.80 14.57
C MET A 77 -22.14 -10.66 15.45
N LYS A 78 -21.65 -9.59 14.84
CA LYS A 78 -21.19 -8.45 15.61
C LYS A 78 -21.24 -7.18 14.78
N THR A 79 -21.57 -6.07 15.43
CA THR A 79 -21.60 -4.75 14.79
C THR A 79 -20.62 -3.83 15.52
N TYR A 80 -19.68 -3.25 14.77
CA TYR A 80 -18.66 -2.37 15.34
C TYR A 80 -18.82 -0.94 14.83
N PRO A 81 -18.55 0.05 15.68
CA PRO A 81 -18.54 1.45 15.23
C PRO A 81 -17.23 1.73 14.48
N ILE A 82 -17.28 2.50 13.39
CA ILE A 82 -16.05 2.80 12.64
C ILE A 82 -15.96 4.27 12.29
N ALA A 83 -14.79 4.72 11.92
CA ALA A 83 -14.58 5.94 11.20
C ALA A 83 -14.49 5.63 9.72
N VAL A 84 -14.97 6.55 8.91
CA VAL A 84 -14.93 6.48 7.48
C VAL A 84 -14.41 7.80 6.93
N GLY A 85 -14.15 7.81 5.65
CA GLY A 85 -13.56 8.94 4.99
C GLY A 85 -14.33 10.23 4.89
N LYS A 86 -13.65 11.35 4.92
CA LYS A 86 -14.28 12.65 4.76
C LYS A 86 -14.90 12.76 3.41
N ILE A 87 -15.69 13.78 3.26
CA ILE A 87 -16.47 13.99 2.08
C ILE A 87 -15.59 14.13 0.85
N LEU A 88 -14.45 14.76 1.00
CA LEU A 88 -13.47 14.86 -0.05
C LEU A 88 -12.49 13.74 -0.19
N THR A 89 -12.39 12.86 0.79
CA THR A 89 -11.57 11.66 0.71
C THR A 89 -12.35 10.37 1.15
N GLN A 90 -13.26 9.93 0.30
CA GLN A 90 -14.27 8.96 0.68
C GLN A 90 -13.69 7.56 0.76
N THR A 91 -14.11 6.80 1.78
CA THR A 91 -14.15 5.35 1.68
C THR A 91 -14.89 4.89 0.43
N PRO A 92 -14.20 4.14 -0.42
CA PRO A 92 -14.77 3.69 -1.69
C PRO A 92 -15.82 2.60 -1.50
N THR A 93 -16.84 2.60 -2.36
CA THR A 93 -17.92 1.62 -2.25
C THR A 93 -17.75 0.51 -3.27
N GLY A 94 -18.51 -0.57 -3.09
CA GLY A 94 -18.45 -1.70 -3.98
C GLY A 94 -18.17 -2.99 -3.22
N GLU A 95 -17.65 -3.98 -3.94
CA GLU A 95 -17.35 -5.29 -3.34
C GLU A 95 -15.84 -5.49 -3.27
N PHE A 96 -15.36 -5.79 -2.08
CA PHE A 96 -13.93 -6.03 -1.93
C PHE A 96 -13.66 -7.31 -1.17
N TYR A 97 -12.38 -7.60 -0.97
CA TYR A 97 -11.97 -8.72 -0.13
C TYR A 97 -10.86 -8.25 0.78
N ILE A 98 -10.76 -8.85 1.96
CA ILE A 98 -9.58 -8.75 2.78
C ILE A 98 -8.47 -9.56 2.11
N ILE A 99 -7.35 -8.90 1.84
CA ILE A 99 -6.24 -9.51 1.09
C ILE A 99 -5.12 -10.04 1.98
N ASN A 100 -4.71 -9.22 2.94
CA ASN A 100 -3.66 -9.62 3.88
C ASN A 100 -3.77 -8.80 5.17
N ARG A 101 -2.89 -9.05 6.13
CA ARG A 101 -3.00 -8.42 7.44
C ARG A 101 -1.62 -8.25 8.09
N GLN A 102 -1.43 -7.17 8.87
CA GLN A 102 -0.21 -6.99 9.65
C GLN A 102 -0.53 -6.73 11.11
N ARG A 103 0.09 -7.51 12.01
CA ARG A 103 -0.12 -7.33 13.44
C ARG A 103 0.61 -6.09 13.95
N ASN A 104 -0.11 -5.26 14.70
CA ASN A 104 0.50 -4.12 15.37
C ASN A 104 1.55 -3.37 14.55
N PRO A 105 1.14 -2.75 13.43
CA PRO A 105 2.06 -1.90 12.67
C PRO A 105 2.22 -0.56 13.38
N GLY A 106 1.51 -0.38 14.48
CA GLY A 106 1.65 0.78 15.35
C GLY A 106 1.40 2.13 14.68
N GLY A 107 1.57 3.19 15.46
CA GLY A 107 1.38 4.53 14.95
C GLY A 107 -0.08 4.83 14.69
N PRO A 108 -0.37 5.43 13.53
CA PRO A 108 -1.75 5.80 13.15
C PRO A 108 -2.60 4.57 12.82
N PHE A 109 -1.94 3.45 12.53
CA PHE A 109 -2.63 2.22 12.15
C PHE A 109 -3.00 1.33 13.32
N GLY A 110 -2.54 1.69 14.51
CA GLY A 110 -2.91 0.96 15.72
C GLY A 110 -2.57 -0.52 15.69
N ALA A 111 -3.44 -1.35 16.27
CA ALA A 111 -3.10 -2.74 16.57
C ALA A 111 -3.09 -3.70 15.38
N TYR A 112 -3.74 -3.33 14.28
CA TYR A 112 -3.80 -4.19 13.11
C TYR A 112 -4.04 -3.37 11.85
N TRP A 113 -3.52 -3.87 10.73
CA TRP A 113 -3.93 -3.37 9.43
C TRP A 113 -4.36 -4.56 8.57
N LEU A 114 -5.52 -4.44 7.94
CA LEU A 114 -6.05 -5.46 7.05
C LEU A 114 -6.23 -4.81 5.69
N SER A 115 -5.56 -5.34 4.67
CA SER A 115 -5.65 -4.74 3.34
C SER A 115 -6.96 -5.12 2.71
N LEU A 116 -7.60 -4.16 2.02
CA LEU A 116 -8.77 -4.42 1.18
C LEU A 116 -8.26 -4.46 -0.25
N SER A 117 -9.05 -5.07 -1.13
CA SER A 117 -8.67 -5.28 -2.52
C SER A 117 -8.80 -4.01 -3.34
N ALA A 118 -8.60 -2.86 -2.70
CA ALA A 118 -8.41 -1.62 -3.44
C ALA A 118 -7.12 -0.99 -2.96
N ALA A 119 -6.21 -0.72 -3.90
CA ALA A 119 -4.89 -0.20 -3.57
C ALA A 119 -4.98 0.94 -2.55
N HIS A 120 -4.10 0.92 -1.56
CA HIS A 120 -3.98 1.99 -0.56
C HIS A 120 -5.16 2.07 0.40
N TYR A 121 -6.10 1.13 0.30
CA TYR A 121 -7.20 1.08 1.26
C TYR A 121 -7.14 -0.12 2.17
N GLY A 122 -7.56 0.07 3.42
CA GLY A 122 -7.61 -1.00 4.38
C GLY A 122 -8.52 -0.71 5.57
N ILE A 123 -8.62 -1.70 6.46
CA ILE A 123 -9.29 -1.55 7.75
C ILE A 123 -8.17 -1.58 8.78
N HIS A 124 -8.16 -0.64 9.70
CA HIS A 124 -7.15 -0.65 10.72
C HIS A 124 -7.64 -0.07 12.05
N GLY A 125 -6.82 -0.19 13.08
CA GLY A 125 -7.14 0.35 14.38
C GLY A 125 -6.78 1.82 14.36
N THR A 126 -6.36 2.36 15.49
CA THR A 126 -6.08 3.79 15.56
C THR A 126 -5.45 4.22 16.88
N ASN A 127 -4.59 5.23 16.78
CA ASN A 127 -4.02 5.90 17.96
C ASN A 127 -4.91 7.06 18.37
N ASN A 128 -6.03 7.22 17.67
CA ASN A 128 -6.98 8.29 17.95
C ASN A 128 -8.41 7.78 18.09
N PRO A 129 -8.70 7.11 19.23
CA PRO A 129 -10.01 6.47 19.50
C PRO A 129 -11.20 7.42 19.35
N ALA A 130 -10.99 8.71 19.61
CA ALA A 130 -12.06 9.72 19.51
C ALA A 130 -12.60 9.87 18.10
N SER A 131 -11.81 9.46 17.11
CA SER A 131 -12.22 9.54 15.70
C SER A 131 -13.24 8.45 15.30
N ILE A 132 -13.38 7.41 16.11
CA ILE A 132 -14.28 6.32 15.74
C ILE A 132 -15.71 6.83 15.80
N GLY A 133 -16.51 6.50 14.78
CA GLY A 133 -17.89 6.94 14.72
C GLY A 133 -18.10 8.22 13.93
N LYS A 134 -17.04 8.69 13.28
CA LYS A 134 -17.09 9.93 12.50
C LYS A 134 -16.55 9.74 11.07
N ALA A 135 -16.99 10.61 10.15
CA ALA A 135 -16.44 10.63 8.80
C ALA A 135 -15.24 11.58 8.72
N VAL A 136 -14.07 11.11 9.14
CA VAL A 136 -12.94 12.00 9.38
C VAL A 136 -11.62 11.46 8.83
N SER A 137 -11.63 10.23 8.34
CA SER A 137 -10.41 9.60 7.82
C SER A 137 -10.13 10.01 6.38
N LYS A 138 -9.05 9.46 5.84
CA LYS A 138 -8.66 9.78 4.46
C LYS A 138 -9.20 8.74 3.49
N GLY A 139 -10.04 7.84 3.99
CA GLY A 139 -10.73 6.88 3.16
C GLY A 139 -10.67 5.49 3.74
N CYS A 140 -9.69 5.25 4.61
CA CYS A 140 -9.57 3.96 5.29
C CYS A 140 -10.67 3.78 6.35
N ILE A 141 -10.99 2.53 6.66
CA ILE A 141 -11.91 2.23 7.76
C ILE A 141 -11.11 2.11 9.05
N ARG A 142 -11.50 2.89 10.06
CA ARG A 142 -10.86 2.83 11.37
C ARG A 142 -11.76 2.15 12.38
N MET A 143 -11.16 1.30 13.22
CA MET A 143 -11.86 0.67 14.33
C MET A 143 -11.06 0.89 15.60
N HIS A 144 -11.70 0.79 16.75
CA HIS A 144 -10.94 0.75 18.00
C HIS A 144 -9.94 -0.40 17.92
N ASN A 145 -8.80 -0.25 18.56
CA ASN A 145 -7.81 -1.33 18.57
C ASN A 145 -8.35 -2.68 19.06
N LYS A 146 -9.13 -2.66 20.15
CA LYS A 146 -9.69 -3.91 20.66
C LYS A 146 -10.58 -4.59 19.61
N ASP A 147 -11.38 -3.80 18.89
CA ASP A 147 -12.32 -4.34 17.90
C ASP A 147 -11.66 -4.95 16.67
N VAL A 148 -10.63 -4.29 16.14
CA VAL A 148 -9.92 -4.82 14.96
C VAL A 148 -9.10 -6.07 15.31
N ILE A 149 -8.54 -6.11 16.52
CA ILE A 149 -7.85 -7.30 17.03
C ILE A 149 -8.81 -8.49 17.03
N GLU A 150 -9.97 -8.30 17.66
CA GLU A 150 -11.05 -9.28 17.63
C GLU A 150 -11.47 -9.67 16.18
N LEU A 151 -11.67 -8.67 15.32
CA LEU A 151 -12.09 -8.93 13.93
C LEU A 151 -11.08 -9.79 13.19
N ALA A 152 -9.81 -9.41 13.29
CA ALA A 152 -8.72 -10.12 12.64
C ALA A 152 -8.58 -11.57 13.10
N SER A 153 -8.77 -11.82 14.39
CA SER A 153 -8.66 -13.20 14.88
C SER A 153 -9.77 -14.08 14.33
N ILE A 154 -10.85 -13.46 13.85
CA ILE A 154 -12.03 -14.18 13.41
C ILE A 154 -12.04 -14.51 11.91
N VAL A 155 -11.86 -13.50 11.06
CA VAL A 155 -11.99 -13.70 9.61
C VAL A 155 -10.68 -14.00 8.89
N PRO A 156 -10.71 -14.96 7.95
CA PRO A 156 -9.53 -15.31 7.15
C PRO A 156 -9.28 -14.32 6.01
N ASN A 157 -8.07 -14.33 5.45
CA ASN A 157 -7.86 -13.61 4.19
C ASN A 157 -8.82 -14.16 3.14
N GLY A 158 -9.39 -13.26 2.33
CA GLY A 158 -10.34 -13.65 1.31
C GLY A 158 -11.80 -13.40 1.68
N THR A 159 -12.02 -12.97 2.92
CA THR A 159 -13.36 -12.63 3.38
C THR A 159 -13.90 -11.48 2.53
N ARG A 160 -15.10 -11.64 2.02
CA ARG A 160 -15.76 -10.60 1.24
C ARG A 160 -16.07 -9.40 2.12
N VAL A 161 -15.76 -8.21 1.61
CA VAL A 161 -16.10 -6.97 2.28
C VAL A 161 -17.02 -6.13 1.36
N THR A 162 -18.28 -5.99 1.74
CA THR A 162 -19.25 -5.21 0.98
C THR A 162 -19.41 -3.81 1.58
N ILE A 163 -19.06 -2.79 0.82
CA ILE A 163 -19.11 -1.43 1.32
C ILE A 163 -20.20 -0.65 0.59
N ASN A 164 -21.20 -0.19 1.36
CA ASN A 164 -22.31 0.59 0.82
C ASN A 164 -22.40 1.97 1.47
N ARG A 165 -23.03 2.92 0.79
CA ARG A 165 -23.24 4.27 1.31
C ARG A 165 -23.99 4.31 2.66
N GLY B 1 22.66 -5.80 -12.52
CA GLY B 1 22.99 -5.97 -11.11
C GLY B 1 21.78 -6.30 -10.25
N MET B 2 21.96 -6.18 -8.94
CA MET B 2 20.90 -6.52 -8.01
C MET B 2 20.79 -5.47 -6.92
N LEU B 3 19.61 -5.40 -6.31
CA LEU B 3 19.41 -4.48 -5.22
C LEU B 3 19.70 -5.23 -3.94
N THR B 4 20.62 -4.68 -3.17
CA THR B 4 21.00 -5.26 -1.89
C THR B 4 20.35 -4.47 -0.78
N TYR B 5 19.72 -5.19 0.14
CA TYR B 5 19.14 -4.59 1.32
C TYR B 5 19.83 -5.13 2.55
N GLN B 6 20.10 -4.25 3.50
CA GLN B 6 20.68 -4.65 4.75
C GLN B 6 19.60 -4.76 5.81
N VAL B 7 19.53 -5.91 6.47
CA VAL B 7 18.55 -6.14 7.53
C VAL B 7 18.75 -5.19 8.71
N LYS B 8 17.67 -4.59 9.17
CA LYS B 8 17.70 -3.73 10.37
C LYS B 8 16.99 -4.38 11.57
N GLN B 9 17.42 -3.98 12.77
CA GLN B 9 16.78 -4.43 13.99
C GLN B 9 15.27 -4.31 13.91
N GLY B 10 14.56 -5.38 14.27
CA GLY B 10 13.11 -5.37 14.22
C GLY B 10 12.49 -5.73 12.86
N ASP B 11 13.31 -5.89 11.82
CA ASP B 11 12.80 -6.43 10.55
C ASP B 11 12.43 -7.90 10.75
N THR B 12 11.34 -8.32 10.11
CA THR B 12 11.09 -9.76 10.00
C THR B 12 11.07 -10.09 8.51
N LEU B 13 11.06 -11.38 8.19
CA LEU B 13 10.90 -11.83 6.82
C LEU B 13 9.63 -11.20 6.22
N ASN B 14 8.56 -11.22 6.99
CA ASN B 14 7.28 -10.69 6.52
C ASN B 14 7.31 -9.20 6.30
N SER B 15 7.92 -8.46 7.23
CA SER B 15 7.90 -7.01 7.13
C SER B 15 8.77 -6.55 5.94
N ILE B 16 9.91 -7.22 5.74
CA ILE B 16 10.80 -6.89 4.61
C ILE B 16 10.12 -7.14 3.29
N ALA B 17 9.51 -8.33 3.15
CA ALA B 17 8.71 -8.65 1.97
C ALA B 17 7.66 -7.57 1.75
N ALA B 18 6.97 -7.20 2.82
CA ALA B 18 5.96 -6.13 2.76
C ALA B 18 6.56 -4.78 2.30
N ASP B 19 7.68 -4.36 2.88
CA ASP B 19 8.33 -3.11 2.45
C ASP B 19 8.64 -3.10 0.96
N PHE B 20 8.98 -4.27 0.42
CA PHE B 20 9.36 -4.36 -0.99
C PHE B 20 8.26 -4.87 -1.91
N ARG B 21 7.06 -5.05 -1.38
CA ARG B 21 5.90 -5.39 -2.21
C ARG B 21 6.03 -6.74 -2.93
N ILE B 22 6.66 -7.70 -2.27
CA ILE B 22 6.82 -9.04 -2.83
C ILE B 22 6.40 -10.05 -1.79
N SER B 23 6.21 -11.29 -2.20
CA SER B 23 5.87 -12.37 -1.27
C SER B 23 7.12 -12.82 -0.52
N THR B 24 6.94 -13.34 0.69
CA THR B 24 8.04 -13.89 1.44
C THR B 24 8.64 -15.07 0.68
N ALA B 25 7.78 -15.82 0.00
CA ALA B 25 8.24 -16.97 -0.77
C ALA B 25 9.29 -16.54 -1.80
N ALA B 26 9.06 -15.40 -2.45
CA ALA B 26 9.96 -14.91 -3.47
C ALA B 26 11.29 -14.44 -2.86
N LEU B 27 11.20 -13.81 -1.70
CA LEU B 27 12.35 -13.33 -0.94
C LEU B 27 13.24 -14.48 -0.50
N LEU B 28 12.60 -15.55 -0.03
CA LEU B 28 13.30 -16.76 0.37
C LEU B 28 13.93 -17.48 -0.80
N GLN B 29 13.24 -17.51 -1.92
CA GLN B 29 13.76 -18.18 -3.09
C GLN B 29 15.05 -17.49 -3.52
N ALA B 30 15.07 -16.15 -3.45
CA ALA B 30 16.24 -15.37 -3.85
C ALA B 30 17.36 -15.37 -2.79
N ASN B 31 17.01 -15.74 -1.56
CA ASN B 31 17.98 -15.75 -0.47
C ASN B 31 17.94 -17.04 0.35
N PRO B 32 18.53 -18.13 -0.15
CA PRO B 32 18.52 -19.38 0.61
C PRO B 32 19.06 -19.20 2.03
N SER B 33 19.89 -18.19 2.24
CA SER B 33 20.43 -17.93 3.56
C SER B 33 19.34 -17.63 4.58
N LEU B 34 18.23 -17.06 4.10
CA LEU B 34 17.15 -16.65 4.96
C LEU B 34 16.37 -17.79 5.61
N GLN B 35 16.52 -19.02 5.10
CA GLN B 35 15.97 -20.19 5.78
C GLN B 35 16.42 -20.27 7.22
N ALA B 36 17.62 -19.78 7.50
CA ALA B 36 18.19 -19.87 8.83
C ALA B 36 17.87 -18.65 9.69
N GLY B 37 17.00 -17.78 9.21
CA GLY B 37 16.61 -16.61 9.98
C GLY B 37 17.29 -15.33 9.52
N LEU B 38 17.04 -14.24 10.25
CA LEU B 38 17.54 -12.92 9.88
C LEU B 38 18.44 -12.42 10.98
N THR B 39 19.35 -11.53 10.64
CA THR B 39 20.24 -10.88 11.60
C THR B 39 20.50 -9.45 11.14
N ALA B 40 20.47 -8.52 12.08
CA ALA B 40 20.77 -7.12 11.77
C ALA B 40 22.14 -7.00 11.11
N GLY B 41 22.21 -6.24 10.02
CA GLY B 41 23.45 -6.08 9.25
C GLY B 41 23.53 -7.02 8.05
N GLN B 42 22.75 -8.09 8.05
CA GLN B 42 22.80 -9.09 7.00
C GLN B 42 22.36 -8.52 5.65
N SER B 43 23.18 -8.72 4.63
CA SER B 43 22.83 -8.26 3.31
C SER B 43 22.01 -9.34 2.61
N ILE B 44 20.90 -8.92 2.01
CA ILE B 44 20.14 -9.83 1.17
C ILE B 44 19.76 -9.14 -0.14
N VAL B 45 19.36 -9.94 -1.12
CA VAL B 45 19.00 -9.43 -2.42
C VAL B 45 17.48 -9.36 -2.52
N ILE B 46 16.97 -8.25 -3.08
CA ILE B 46 15.55 -8.11 -3.37
C ILE B 46 15.34 -8.34 -4.87
N PRO B 47 14.65 -9.43 -5.21
CA PRO B 47 14.45 -9.83 -6.61
C PRO B 47 13.58 -8.84 -7.35
N GLY B 48 13.76 -8.77 -8.67
CA GLY B 48 12.96 -7.89 -9.50
C GLY B 48 13.49 -6.48 -9.68
N LEU B 49 14.49 -6.10 -8.89
CA LEU B 49 15.00 -4.74 -8.97
C LEU B 49 16.45 -4.66 -9.47
N PRO B 50 16.77 -3.59 -10.20
CA PRO B 50 18.15 -3.36 -10.60
C PRO B 50 18.94 -2.79 -9.42
N ASP B 51 20.26 -2.71 -9.57
CA ASP B 51 21.17 -2.11 -8.60
C ASP B 51 20.94 -0.60 -8.59
N PRO B 52 20.42 -0.07 -7.49
CA PRO B 52 20.09 1.35 -7.44
C PRO B 52 21.30 2.27 -7.66
N TYR B 53 22.48 1.81 -7.31
CA TYR B 53 23.67 2.64 -7.46
C TYR B 53 24.15 2.75 -8.90
N THR B 54 23.58 1.92 -9.77
CA THR B 54 23.86 2.01 -11.20
C THR B 54 22.91 2.98 -11.93
N ILE B 55 21.89 3.46 -11.21
CA ILE B 55 20.96 4.45 -11.74
C ILE B 55 21.45 5.86 -11.39
N PRO B 56 21.81 6.67 -12.41
CA PRO B 56 22.45 7.96 -12.14
C PRO B 56 21.53 8.99 -11.47
N TYR B 57 20.23 8.71 -11.46
CA TYR B 57 19.28 9.63 -10.84
C TYR B 57 19.26 9.37 -9.35
N HIS B 58 19.03 10.42 -8.58
CA HIS B 58 18.91 10.30 -7.13
C HIS B 58 17.92 11.33 -6.60
N ILE B 59 17.05 10.90 -5.70
CA ILE B 59 16.05 11.80 -5.12
C ILE B 59 16.36 12.06 -3.66
N ALA B 60 16.43 13.34 -3.31
CA ALA B 60 16.65 13.76 -1.93
C ALA B 60 15.42 14.52 -1.45
N VAL B 61 14.79 14.04 -0.38
CA VAL B 61 13.64 14.72 0.19
C VAL B 61 14.04 15.40 1.49
N SER B 62 13.71 16.68 1.64
CA SER B 62 13.91 17.33 2.93
C SER B 62 12.56 17.62 3.56
N ILE B 63 12.28 17.00 4.70
CA ILE B 63 11.01 17.24 5.39
C ILE B 63 10.83 18.68 5.88
N GLY B 64 11.90 19.29 6.41
CA GLY B 64 11.84 20.65 6.94
C GLY B 64 11.57 21.70 5.88
N ALA B 65 12.28 21.59 4.76
CA ALA B 65 12.13 22.52 3.64
C ALA B 65 10.90 22.21 2.76
N LYS B 66 10.26 21.08 3.01
CA LYS B 66 9.16 20.61 2.15
C LYS B 66 9.56 20.52 0.66
N THR B 67 10.74 19.95 0.39
CA THR B 67 11.21 19.82 -0.99
C THR B 67 11.63 18.40 -1.37
N LEU B 68 11.49 18.11 -2.66
CA LEU B 68 12.03 16.91 -3.24
C LEU B 68 13.04 17.34 -4.31
N THR B 69 14.29 16.94 -4.18
CA THR B 69 15.30 17.31 -5.17
C THR B 69 15.72 16.14 -6.03
N LEU B 70 15.61 16.30 -7.35
CA LEU B 70 16.04 15.28 -8.31
C LEU B 70 17.45 15.62 -8.80
N SER B 71 18.38 14.69 -8.63
CA SER B 71 19.74 14.88 -9.14
C SER B 71 20.08 13.81 -10.17
N LEU B 72 20.97 14.17 -11.08
CA LEU B 72 21.54 13.25 -12.03
C LEU B 72 23.05 13.34 -11.86
N ASN B 73 23.67 12.26 -11.43
CA ASN B 73 25.11 12.26 -11.18
C ASN B 73 25.53 13.33 -10.16
N ASN B 74 24.74 13.51 -9.12
CA ASN B 74 25.07 14.48 -8.07
C ASN B 74 25.11 15.94 -8.57
N ARG B 75 24.33 16.23 -9.60
CA ARG B 75 24.04 17.60 -9.98
C ARG B 75 22.52 17.77 -9.97
N VAL B 76 22.03 18.69 -9.16
CA VAL B 76 20.58 18.94 -9.08
C VAL B 76 20.01 19.25 -10.47
N MET B 77 18.85 18.68 -10.77
CA MET B 77 18.14 19.01 -11.99
C MET B 77 16.99 19.94 -11.67
N LYS B 78 16.20 19.53 -10.69
CA LYS B 78 14.90 20.09 -10.48
C LYS B 78 14.57 19.94 -9.02
N THR B 79 14.08 21.02 -8.42
CA THR B 79 13.55 21.01 -7.08
C THR B 79 12.01 21.18 -7.15
N TYR B 80 11.29 20.32 -6.43
CA TYR B 80 9.83 20.37 -6.37
C TYR B 80 9.35 20.66 -4.95
N PRO B 81 8.27 21.43 -4.81
CA PRO B 81 7.60 21.59 -3.50
C PRO B 81 6.74 20.34 -3.23
N ILE B 82 6.65 19.93 -1.96
CA ILE B 82 5.88 18.72 -1.62
C ILE B 82 5.08 18.89 -0.33
N ALA B 83 4.11 18.00 -0.12
CA ALA B 83 3.46 17.88 1.18
C ALA B 83 4.13 16.73 1.92
N VAL B 84 4.20 16.82 3.24
CA VAL B 84 4.78 15.76 4.05
C VAL B 84 3.85 15.35 5.20
N GLY B 85 4.29 14.39 6.03
CA GLY B 85 3.46 13.87 7.11
C GLY B 85 3.25 14.88 8.24
N LYS B 86 2.03 14.92 8.77
CA LYS B 86 1.69 15.73 9.94
C LYS B 86 2.59 15.35 11.11
N ILE B 87 2.44 16.07 12.22
CA ILE B 87 3.29 15.89 13.40
C ILE B 87 3.24 14.47 14.02
N LEU B 88 2.05 13.86 14.10
CA LEU B 88 1.91 12.54 14.72
C LEU B 88 1.80 11.38 13.71
N THR B 89 1.99 11.70 12.43
CA THR B 89 1.99 10.70 11.37
C THR B 89 2.99 11.10 10.30
N GLN B 90 4.25 11.19 10.70
CA GLN B 90 5.30 11.78 9.87
C GLN B 90 5.78 10.89 8.74
N THR B 91 6.46 11.52 7.78
CA THR B 91 7.12 10.80 6.72
C THR B 91 8.38 10.18 7.30
N PRO B 92 8.54 8.85 7.16
CA PRO B 92 9.73 8.19 7.74
C PRO B 92 11.03 8.74 7.14
N THR B 93 12.13 8.70 7.88
CA THR B 93 13.41 9.18 7.38
C THR B 93 14.32 7.99 7.10
N GLY B 94 15.33 8.20 6.27
CA GLY B 94 16.27 7.14 5.91
C GLY B 94 16.45 6.96 4.41
N GLU B 95 16.94 5.78 4.04
CA GLU B 95 17.24 5.46 2.64
C GLU B 95 16.20 4.52 2.08
N PHE B 96 15.57 4.92 0.98
CA PHE B 96 14.48 4.15 0.40
C PHE B 96 14.69 4.00 -1.08
N TYR B 97 13.83 3.24 -1.74
CA TYR B 97 13.92 3.14 -3.19
C TYR B 97 12.53 3.18 -3.77
N ILE B 98 12.41 3.71 -4.99
CA ILE B 98 11.18 3.57 -5.73
C ILE B 98 11.09 2.13 -6.21
N ILE B 99 9.99 1.46 -5.89
CA ILE B 99 9.86 0.01 -6.05
C ILE B 99 8.92 -0.38 -7.19
N ASN B 100 7.80 0.33 -7.28
CA ASN B 100 6.84 0.15 -8.36
C ASN B 100 6.00 1.42 -8.54
N ARG B 101 5.11 1.40 -9.52
CA ARG B 101 4.31 2.59 -9.84
C ARG B 101 2.96 2.20 -10.46
N GLN B 102 1.94 3.02 -10.21
CA GLN B 102 0.68 2.87 -10.90
C GLN B 102 0.29 4.23 -11.44
N ARG B 103 -0.06 4.28 -12.71
CA ARG B 103 -0.50 5.52 -13.34
C ARG B 103 -1.96 5.82 -13.02
N ASN B 104 -2.24 7.09 -12.82
CA ASN B 104 -3.59 7.56 -12.60
C ASN B 104 -4.42 6.74 -11.60
N PRO B 105 -3.94 6.61 -10.36
CA PRO B 105 -4.69 5.92 -9.30
C PRO B 105 -5.94 6.71 -8.88
N GLY B 106 -5.97 8.00 -9.20
CA GLY B 106 -7.13 8.84 -8.91
C GLY B 106 -7.38 9.12 -7.44
N GLY B 107 -8.56 9.65 -7.14
CA GLY B 107 -8.88 10.10 -5.80
C GLY B 107 -7.78 10.98 -5.22
N PRO B 108 -7.50 10.82 -3.93
CA PRO B 108 -6.49 11.66 -3.30
C PRO B 108 -5.08 11.40 -3.82
N PHE B 109 -4.91 10.38 -4.66
CA PHE B 109 -3.58 9.99 -5.12
C PHE B 109 -3.19 10.60 -6.46
N GLY B 110 -4.16 11.24 -7.14
CA GLY B 110 -3.87 11.97 -8.37
C GLY B 110 -3.28 11.20 -9.54
N ALA B 111 -2.30 11.81 -10.21
CA ALA B 111 -1.86 11.34 -11.52
C ALA B 111 -0.94 10.11 -11.46
N TYR B 112 -0.31 9.89 -10.32
CA TYR B 112 0.66 8.81 -10.21
C TYR B 112 0.84 8.37 -8.77
N TRP B 113 1.20 7.10 -8.61
CA TRP B 113 1.67 6.60 -7.32
C TRP B 113 3.01 5.90 -7.54
N LEU B 114 4.04 6.32 -6.80
CA LEU B 114 5.34 5.66 -6.87
C LEU B 114 5.57 5.04 -5.51
N SER B 115 5.67 3.72 -5.45
CA SER B 115 5.88 3.06 -4.17
C SER B 115 7.27 3.26 -3.66
N LEU B 116 7.39 3.50 -2.35
CA LEU B 116 8.67 3.51 -1.67
C LEU B 116 8.84 2.20 -0.91
N SER B 117 10.09 1.85 -0.61
CA SER B 117 10.40 0.58 0.04
C SER B 117 10.12 0.65 1.54
N ALA B 118 8.99 1.26 1.89
CA ALA B 118 8.43 1.12 3.22
C ALA B 118 6.92 0.94 3.05
N ALA B 119 6.36 -0.05 3.72
CA ALA B 119 4.95 -0.42 3.54
C ALA B 119 4.01 0.75 3.80
N HIS B 120 3.02 0.91 2.92
CA HIS B 120 2.01 1.95 3.03
C HIS B 120 2.52 3.29 2.50
N TYR B 121 3.78 3.35 2.11
CA TYR B 121 4.38 4.66 1.79
C TYR B 121 4.72 4.79 0.33
N GLY B 122 4.58 6.00 -0.19
CA GLY B 122 4.94 6.34 -1.55
C GLY B 122 4.93 7.83 -1.81
N ILE B 123 5.29 8.19 -3.04
CA ILE B 123 5.24 9.54 -3.55
C ILE B 123 4.05 9.54 -4.48
N HIS B 124 3.14 10.49 -4.31
CA HIS B 124 1.98 10.50 -5.17
C HIS B 124 1.53 11.90 -5.53
N GLY B 125 0.58 11.98 -6.45
CA GLY B 125 -0.06 13.23 -6.82
C GLY B 125 -1.04 13.63 -5.75
N THR B 126 -1.96 14.53 -6.08
CA THR B 126 -2.96 14.96 -5.13
C THR B 126 -4.18 15.50 -5.88
N ASN B 127 -5.34 15.52 -5.22
CA ASN B 127 -6.48 16.26 -5.72
C ASN B 127 -6.78 17.45 -4.82
N ASN B 128 -5.78 17.81 -4.01
CA ASN B 128 -5.83 18.96 -3.11
C ASN B 128 -4.55 19.81 -3.24
N PRO B 129 -4.41 20.51 -4.39
CA PRO B 129 -3.18 21.27 -4.70
C PRO B 129 -2.80 22.30 -3.64
N ALA B 130 -3.74 22.67 -2.78
CA ALA B 130 -3.45 23.61 -1.70
C ALA B 130 -2.63 22.94 -0.60
N SER B 131 -2.63 21.62 -0.59
CA SER B 131 -1.92 20.89 0.46
C SER B 131 -0.41 20.87 0.22
N ILE B 132 -0.01 21.02 -1.04
CA ILE B 132 1.41 21.01 -1.40
C ILE B 132 2.20 22.12 -0.70
N GLY B 133 3.31 21.72 -0.07
CA GLY B 133 4.13 22.66 0.67
C GLY B 133 3.77 22.76 2.14
N LYS B 134 3.00 21.79 2.62
CA LYS B 134 2.51 21.79 4.00
C LYS B 134 2.66 20.42 4.65
N ALA B 135 2.80 20.40 5.98
CA ALA B 135 2.86 19.14 6.70
C ALA B 135 1.44 18.68 7.07
N VAL B 136 0.76 18.07 6.10
CA VAL B 136 -0.66 17.74 6.25
C VAL B 136 -1.01 16.29 5.89
N SER B 137 -0.04 15.55 5.36
CA SER B 137 -0.33 14.19 4.93
C SER B 137 -0.27 13.19 6.08
N LYS B 138 -0.75 11.98 5.85
CA LYS B 138 -0.64 10.95 6.88
C LYS B 138 0.70 10.21 6.76
N GLY B 139 1.63 10.77 6.03
CA GLY B 139 2.93 10.15 5.91
C GLY B 139 3.53 10.12 4.51
N CYS B 140 2.69 10.00 3.48
CA CYS B 140 3.23 9.95 2.12
C CYS B 140 3.74 11.31 1.68
N ILE B 141 4.47 11.30 0.57
CA ILE B 141 4.92 12.54 -0.03
C ILE B 141 3.98 12.91 -1.16
N ARG B 142 3.37 14.10 -1.09
CA ARG B 142 2.46 14.57 -2.15
C ARG B 142 3.11 15.59 -3.08
N MET B 143 2.84 15.47 -4.38
CA MET B 143 3.26 16.48 -5.36
C MET B 143 2.06 16.96 -6.20
N HIS B 144 2.25 18.08 -6.90
CA HIS B 144 1.31 18.46 -7.94
C HIS B 144 1.27 17.34 -8.96
N ASN B 145 0.12 17.16 -9.59
CA ASN B 145 0.00 16.11 -10.59
C ASN B 145 1.03 16.20 -11.71
N LYS B 146 1.28 17.41 -12.21
CA LYS B 146 2.23 17.61 -13.31
C LYS B 146 3.66 17.28 -12.89
N ASP B 147 3.97 17.50 -11.63
CA ASP B 147 5.29 17.20 -11.09
C ASP B 147 5.54 15.71 -10.93
N VAL B 148 4.60 14.99 -10.29
CA VAL B 148 4.78 13.55 -10.11
C VAL B 148 4.84 12.84 -11.48
N ILE B 149 4.12 13.38 -12.47
CA ILE B 149 4.08 12.80 -13.81
C ILE B 149 5.44 12.95 -14.52
N GLU B 150 6.00 14.13 -14.40
CA GLU B 150 7.33 14.41 -14.93
C GLU B 150 8.34 13.56 -14.18
N LEU B 151 8.19 13.53 -12.87
CA LEU B 151 9.09 12.75 -12.03
C LEU B 151 9.05 11.29 -12.45
N ALA B 152 7.85 10.75 -12.59
CA ALA B 152 7.68 9.33 -12.91
C ALA B 152 8.28 9.01 -14.27
N SER B 153 8.16 9.94 -15.21
CA SER B 153 8.62 9.71 -16.58
C SER B 153 10.14 9.60 -16.68
N ILE B 154 10.83 10.10 -15.66
CA ILE B 154 12.29 10.17 -15.66
C ILE B 154 12.95 9.07 -14.86
N VAL B 155 12.49 8.86 -13.63
CA VAL B 155 13.18 7.93 -12.75
C VAL B 155 12.58 6.53 -12.90
N PRO B 156 13.45 5.53 -13.13
CA PRO B 156 13.01 4.14 -13.29
C PRO B 156 12.84 3.46 -11.93
N ASN B 157 12.24 2.27 -11.90
CA ASN B 157 12.11 1.55 -10.63
C ASN B 157 13.51 1.25 -10.12
N GLY B 158 13.72 1.41 -8.83
CA GLY B 158 15.01 1.16 -8.22
C GLY B 158 15.73 2.45 -7.81
N THR B 159 15.21 3.59 -8.24
CA THR B 159 15.84 4.88 -7.94
C THR B 159 15.95 5.13 -6.43
N ARG B 160 17.12 5.58 -5.99
CA ARG B 160 17.35 5.88 -4.57
C ARG B 160 16.56 7.11 -4.14
N VAL B 161 15.97 7.02 -2.95
CA VAL B 161 15.27 8.14 -2.34
C VAL B 161 15.82 8.27 -0.93
N THR B 162 16.44 9.41 -0.66
CA THR B 162 17.02 9.68 0.65
C THR B 162 16.15 10.72 1.30
N ILE B 163 15.52 10.36 2.42
CA ILE B 163 14.64 11.29 3.13
C ILE B 163 15.31 11.77 4.41
N ASN B 164 15.51 13.09 4.51
CA ASN B 164 16.16 13.69 5.67
C ASN B 164 15.23 14.67 6.36
N ARG B 165 15.56 15.00 7.61
CA ARG B 165 14.94 16.12 8.30
C ARG B 165 15.06 17.42 7.47
S SO4 C . -6.95 6.94 7.37
O1 SO4 C . -7.84 6.26 8.30
O2 SO4 C . -5.59 6.43 7.50
O3 SO4 C . -7.40 6.70 5.99
O4 SO4 C . -6.98 8.37 7.65
S SO4 D . -7.22 12.30 12.32
O1 SO4 D . -6.63 13.64 12.30
O2 SO4 D . -6.90 11.64 11.07
O3 SO4 D . -6.66 11.55 13.43
O4 SO4 D . -8.68 12.37 12.49
S SO4 E . -0.19 1.58 -15.16
O1 SO4 E . -0.63 0.96 -13.93
O2 SO4 E . 0.89 2.50 -14.84
O3 SO4 E . 0.32 0.61 -16.13
O4 SO4 E . -1.33 2.27 -15.76
S SO4 F . -1.28 10.76 2.24
O1 SO4 F . -1.96 9.73 1.46
O2 SO4 F . -0.58 11.69 1.35
O3 SO4 F . -2.25 11.52 3.03
O4 SO4 F . -0.31 10.15 3.14
S SO4 G . -6.22 16.52 2.87
O1 SO4 G . -6.24 15.07 3.00
O2 SO4 G . -5.15 17.08 3.69
O3 SO4 G . -5.98 16.86 1.47
O4 SO4 G . -7.51 17.06 3.28
S SO4 H . 5.74 -11.13 11.73
O1 SO4 H . 6.23 -9.86 11.20
O2 SO4 H . 5.00 -10.90 12.97
O3 SO4 H . 4.87 -11.74 10.74
O4 SO4 H . 6.86 -12.03 11.99
#